data_3ZO0
#
_entry.id   3ZO0
#
_cell.length_a   45.458
_cell.length_b   186.185
_cell.length_c   124.875
_cell.angle_alpha   90.00
_cell.angle_beta   90.00
_cell.angle_gamma   90.00
#
_symmetry.space_group_name_H-M   'C 2 2 21'
#
loop_
_entity.id
_entity.type
_entity.pdbx_description
1 polymer 'IG GAMMA-2A CHAIN C REGION, A ALLELE'
2 polymer 'E3 UBIQUITIN-PROTEIN LIGASE TRIM21'
3 branched beta-D-galactopyranose-(1-4)-2-acetamido-2-deoxy-beta-D-glucopyranose-(1-2)-alpha-D-mannopyranose-(1-6)-beta-D-mannopyranose-(1-4)-2-acetamido-2-deoxy-beta-D-glucopyranose-(1-4)-2-acetamido-2-deoxy-beta-D-glucopyranose
4 non-polymer alpha-D-mannopyranose
5 non-polymer alpha-L-fucopyranose
6 water water
#
loop_
_entity_poly.entity_id
_entity_poly.type
_entity_poly.pdbx_seq_one_letter_code
_entity_poly.pdbx_strand_id
1 'polypeptide(L)'
;GPSVFIFPPKIKDVLMISLSPIVTCVVVDVSEDDPDVQISWFVNNVEVHTAQTQTHREDYNSTLRVVSALPIQHQDWMSG
KEFKCKVNNKDLPAPIERTISKPKGSVRAPQVYVLPPPEEEMTKKQVTLTCMVTDFMPEDIYVEWTNNGKTELNYKNTEP
VLDSDGSYFMYSKLRVEKKNWVERNSYSCSVVHEGLHNHHTTKSFSRS
;
A
2 'polypeptide(L)'
;HMVHITLDRNTANSWLIISKDRRQVRMGDTHQNVSDNKERFSNYPMVLGAQRFSSGKMYWEVDVTQKEAWDLGVCRDSVQ
RKGQFSLSPENGFWTIWLWQKSYEAGTSPQTTLHIQVPPCQIGIFVDYEAGVVSFYNITDHGSLIYTFSECVFAGPLRPF
FNVGFNYSGGNAAPLKLCPLKM
;
B
#
loop_
_chem_comp.id
_chem_comp.type
_chem_comp.name
_chem_comp.formula
BMA D-saccharide, beta linking beta-D-mannopyranose 'C6 H12 O6'
FUC L-saccharide, alpha linking alpha-L-fucopyranose 'C6 H12 O5'
GAL D-saccharide, beta linking beta-D-galactopyranose 'C6 H12 O6'
MAN D-saccharide, alpha linking alpha-D-mannopyranose 'C6 H12 O6'
NAG D-saccharide, beta linking 2-acetamido-2-deoxy-beta-D-glucopyranose 'C8 H15 N O6'
#
# COMPACT_ATOMS: atom_id res chain seq x y z
N GLY A 1 -35.86 -3.41 22.52
CA GLY A 1 -34.66 -4.09 23.02
C GLY A 1 -33.50 -3.75 22.09
N PRO A 2 -33.50 -4.28 20.85
CA PRO A 2 -32.20 -4.53 20.22
C PRO A 2 -31.39 -3.31 19.79
N SER A 3 -30.08 -3.50 19.73
CA SER A 3 -29.13 -2.42 19.53
C SER A 3 -28.22 -2.75 18.31
N VAL A 4 -27.72 -1.71 17.63
CA VAL A 4 -26.85 -1.89 16.44
C VAL A 4 -25.55 -1.13 16.55
N PHE A 5 -24.46 -1.85 16.25
CA PHE A 5 -23.13 -1.23 16.15
C PHE A 5 -22.58 -1.50 14.71
N ILE A 6 -21.89 -0.53 14.14
CA ILE A 6 -21.26 -0.58 12.82
C ILE A 6 -19.71 -0.44 13.03
N PHE A 7 -18.95 -1.20 12.27
CA PHE A 7 -17.49 -1.30 12.41
C PHE A 7 -16.82 -1.10 11.04
N PRO A 8 -15.72 -0.33 10.98
CA PRO A 8 -14.94 -0.16 9.73
C PRO A 8 -14.21 -1.42 9.27
N PRO A 9 -13.65 -1.45 8.04
CA PRO A 9 -12.81 -2.62 7.65
C PRO A 9 -11.43 -2.40 8.23
N LYS A 10 -10.55 -3.36 8.14
CA LYS A 10 -9.18 -3.25 8.62
C LYS A 10 -8.41 -2.42 7.61
N ILE A 11 -7.54 -1.52 8.05
CA ILE A 11 -6.87 -0.67 7.13
C ILE A 11 -6.00 -1.47 6.15
N LYS A 12 -5.48 -2.59 6.59
CA LYS A 12 -4.70 -3.42 5.71
C LYS A 12 -5.51 -4.10 4.60
N ASP A 13 -6.74 -4.49 4.91
CA ASP A 13 -7.62 -5.06 3.89
C ASP A 13 -7.96 -3.98 2.95
N VAL A 14 -7.99 -2.72 3.39
CA VAL A 14 -8.27 -1.74 2.33
C VAL A 14 -7.06 -1.44 1.44
N LEU A 15 -5.88 -1.34 2.01
CA LEU A 15 -4.71 -0.86 1.24
C LEU A 15 -4.19 -1.94 0.29
N MET A 16 -4.21 -3.18 0.75
CA MET A 16 -3.73 -4.30 -0.03
C MET A 16 -4.69 -4.80 -1.11
N ILE A 17 -4.23 -4.63 -2.33
CA ILE A 17 -5.03 -4.87 -3.51
C ILE A 17 -5.71 -6.25 -3.52
N SER A 18 -5.06 -7.30 -3.03
CA SER A 18 -5.65 -8.62 -3.08
C SER A 18 -6.60 -8.96 -1.94
N LEU A 19 -6.72 -8.12 -0.94
CA LEU A 19 -7.50 -8.52 0.27
C LEU A 19 -8.91 -7.99 0.15
N SER A 20 -9.81 -8.34 1.07
CA SER A 20 -11.22 -7.95 0.87
C SER A 20 -11.76 -7.17 2.01
N PRO A 21 -11.85 -5.84 1.88
CA PRO A 21 -12.32 -5.11 3.02
C PRO A 21 -13.81 -5.29 3.23
N ILE A 22 -14.21 -5.35 4.47
CA ILE A 22 -15.62 -5.57 4.85
C ILE A 22 -16.07 -4.49 5.88
N VAL A 23 -17.29 -3.96 5.75
CA VAL A 23 -17.94 -3.16 6.80
C VAL A 23 -18.94 -4.07 7.54
N THR A 24 -19.06 -3.92 8.87
CA THR A 24 -19.88 -4.85 9.66
C THR A 24 -20.90 -4.14 10.50
N CYS A 25 -22.16 -4.61 10.41
CA CYS A 25 -23.22 -4.23 11.36
C CYS A 25 -23.49 -5.40 12.28
N VAL A 26 -23.59 -5.09 13.57
CA VAL A 26 -23.76 -6.08 14.60
C VAL A 26 -24.96 -5.65 15.36
N VAL A 27 -25.95 -6.49 15.35
CA VAL A 27 -27.15 -6.24 16.14
C VAL A 27 -27.16 -7.18 17.34
N VAL A 28 -27.16 -6.60 18.51
CA VAL A 28 -27.19 -7.38 19.77
C VAL A 28 -28.58 -7.26 20.44
N ASP A 29 -28.83 -8.10 21.45
CA ASP A 29 -30.09 -8.05 22.24
C ASP A 29 -31.27 -8.38 21.40
N VAL A 30 -31.10 -9.28 20.46
CA VAL A 30 -32.21 -9.77 19.69
C VAL A 30 -32.83 -10.85 20.55
N SER A 31 -34.14 -10.77 20.83
CA SER A 31 -34.74 -11.72 21.77
C SER A 31 -35.00 -13.04 21.03
N GLU A 32 -34.88 -14.17 21.73
CA GLU A 32 -35.08 -15.52 21.13
C GLU A 32 -36.54 -15.77 20.62
N ASP A 33 -37.48 -14.98 21.16
CA ASP A 33 -38.90 -14.94 20.75
C ASP A 33 -39.05 -14.41 19.32
N ASP A 34 -38.26 -13.38 19.00
CA ASP A 34 -38.40 -12.63 17.75
C ASP A 34 -37.08 -12.68 17.01
N PRO A 35 -36.65 -13.89 16.59
CA PRO A 35 -35.30 -14.00 16.08
C PRO A 35 -35.07 -13.32 14.71
N ASP A 36 -36.09 -13.17 13.88
CA ASP A 36 -35.86 -12.72 12.50
C ASP A 36 -35.51 -11.26 12.44
N VAL A 37 -34.40 -10.96 11.80
CA VAL A 37 -33.97 -9.57 11.70
C VAL A 37 -33.71 -9.30 10.24
N GLN A 38 -34.23 -8.19 9.70
CA GLN A 38 -33.94 -7.85 8.29
C GLN A 38 -32.94 -6.71 8.25
N ILE A 39 -31.88 -6.90 7.47
CA ILE A 39 -30.77 -5.94 7.41
C ILE A 39 -30.61 -5.49 5.97
N SER A 40 -30.68 -4.20 5.74
CA SER A 40 -30.49 -3.65 4.41
C SER A 40 -29.22 -2.84 4.36
N TRP A 41 -28.45 -2.99 3.27
CA TRP A 41 -27.24 -2.21 3.10
C TRP A 41 -27.24 -1.24 1.93
N PHE A 42 -26.56 -0.13 2.17
CA PHE A 42 -26.47 0.97 1.23
C PHE A 42 -25.07 1.57 1.14
N VAL A 43 -24.64 1.91 -0.08
CA VAL A 43 -23.44 2.63 -0.34
C VAL A 43 -23.85 3.96 -1.02
N ASN A 44 -23.59 5.06 -0.36
CA ASN A 44 -24.06 6.35 -0.79
C ASN A 44 -25.58 6.33 -1.10
N ASN A 45 -26.35 5.64 -0.23
CA ASN A 45 -27.81 5.48 -0.36
C ASN A 45 -28.28 4.62 -1.49
N VAL A 46 -27.34 3.91 -2.12
CA VAL A 46 -27.68 3.03 -3.17
C VAL A 46 -27.69 1.67 -2.54
N GLU A 47 -28.84 1.05 -2.51
CA GLU A 47 -28.96 -0.27 -1.90
C GLU A 47 -28.11 -1.31 -2.63
N VAL A 48 -27.46 -2.18 -1.86
CA VAL A 48 -26.64 -3.30 -2.34
C VAL A 48 -27.05 -4.59 -1.67
N HIS A 49 -26.77 -5.74 -2.27
CA HIS A 49 -27.36 -7.00 -1.78
C HIS A 49 -26.35 -8.10 -1.60
N THR A 50 -25.15 -7.72 -1.19
CA THR A 50 -24.02 -8.61 -1.22
C THR A 50 -23.54 -9.09 0.18
N ALA A 51 -24.19 -8.61 1.25
CA ALA A 51 -23.73 -8.87 2.62
C ALA A 51 -23.84 -10.34 3.03
N GLN A 52 -22.84 -10.89 3.72
CA GLN A 52 -23.00 -12.24 4.36
C GLN A 52 -23.53 -12.02 5.76
N THR A 53 -24.71 -12.59 6.04
CA THR A 53 -25.37 -12.32 7.32
C THR A 53 -25.48 -13.61 8.06
N GLN A 54 -24.80 -13.67 9.19
CA GLN A 54 -24.41 -14.94 9.72
C GLN A 54 -25.36 -15.31 10.76
N THR A 55 -25.67 -16.60 10.64
CA THR A 55 -26.70 -17.30 11.38
C THR A 55 -26.64 -16.77 12.81
N HIS A 56 -27.15 -15.54 12.92
CA HIS A 56 -27.55 -14.98 14.19
C HIS A 56 -27.03 -15.86 15.33
N ARG A 57 -25.74 -15.71 15.62
CA ARG A 57 -25.02 -16.42 16.69
C ARG A 57 -25.83 -16.35 18.02
N GLU A 58 -25.71 -17.37 18.88
CA GLU A 58 -26.40 -17.42 20.18
C GLU A 58 -25.49 -16.77 21.22
N ASP A 59 -26.02 -16.14 22.25
CA ASP A 59 -25.18 -15.52 23.32
C ASP A 59 -25.70 -15.79 24.75
N TYR A 60 -24.80 -16.02 25.72
CA TYR A 60 -25.06 -16.20 27.23
C TYR A 60 -26.24 -15.57 28.02
N ASN A 61 -26.29 -14.23 28.14
CA ASN A 61 -27.49 -13.40 28.38
C ASN A 61 -28.80 -14.00 27.89
N SER A 62 -28.70 -15.16 27.23
CA SER A 62 -29.83 -15.73 26.47
C SER A 62 -30.38 -14.70 25.50
N THR A 63 -29.52 -14.18 24.64
CA THR A 63 -29.97 -13.37 23.53
C THR A 63 -29.30 -13.86 22.28
N LEU A 64 -29.82 -13.39 21.15
CA LEU A 64 -29.17 -13.60 19.87
C LEU A 64 -28.39 -12.35 19.43
N ARG A 65 -27.43 -12.57 18.55
CA ARG A 65 -26.54 -11.57 18.05
C ARG A 65 -26.49 -11.74 16.54
N VAL A 66 -26.76 -10.66 15.84
CA VAL A 66 -26.73 -10.73 14.37
C VAL A 66 -25.58 -9.93 13.79
N VAL A 67 -24.78 -10.67 13.03
CA VAL A 67 -23.57 -10.18 12.40
C VAL A 67 -23.73 -10.19 10.89
N SER A 68 -23.71 -8.99 10.29
CA SER A 68 -23.81 -8.87 8.86
C SER A 68 -22.61 -8.12 8.30
N ALA A 69 -21.95 -8.78 7.35
CA ALA A 69 -20.68 -8.33 6.79
C ALA A 69 -20.81 -8.03 5.30
N LEU A 70 -20.64 -6.75 4.98
CA LEU A 70 -20.73 -6.22 3.64
C LEU A 70 -19.33 -6.10 3.04
N PRO A 71 -19.01 -6.88 2.01
CA PRO A 71 -17.72 -6.68 1.37
C PRO A 71 -17.78 -5.42 0.50
N ILE A 72 -16.72 -4.60 0.50
CA ILE A 72 -16.77 -3.33 -0.16
C ILE A 72 -15.58 -3.19 -1.12
N GLN A 73 -15.60 -2.12 -1.90
CA GLN A 73 -14.53 -1.81 -2.84
C GLN A 73 -13.52 -0.88 -2.14
N HIS A 74 -12.24 -1.15 -2.42
CA HIS A 74 -11.11 -0.49 -1.82
C HIS A 74 -11.29 1.01 -1.99
N GLN A 75 -11.63 1.38 -3.23
CA GLN A 75 -11.84 2.73 -3.69
C GLN A 75 -12.99 3.40 -2.96
N ASP A 76 -13.99 2.59 -2.57
CA ASP A 76 -15.20 3.13 -1.93
C ASP A 76 -14.90 3.60 -0.49
N TRP A 77 -14.14 2.79 0.25
CA TRP A 77 -13.65 3.19 1.54
C TRP A 77 -12.77 4.44 1.41
N MET A 78 -11.72 4.39 0.59
CA MET A 78 -10.76 5.54 0.63
C MET A 78 -11.35 6.80 0.06
N SER A 79 -12.30 6.68 -0.88
CA SER A 79 -12.96 7.86 -1.43
C SER A 79 -13.97 8.47 -0.53
N GLY A 80 -14.25 7.87 0.62
CA GLY A 80 -15.19 8.52 1.54
C GLY A 80 -16.66 8.19 1.25
N LYS A 81 -16.94 7.05 0.63
CA LYS A 81 -18.30 6.66 0.44
C LYS A 81 -18.95 6.41 1.84
N GLU A 82 -20.26 6.60 1.92
CA GLU A 82 -21.04 6.25 3.12
C GLU A 82 -21.65 4.89 2.98
N PHE A 83 -21.40 4.11 4.02
CA PHE A 83 -21.91 2.77 4.19
C PHE A 83 -22.96 2.79 5.31
N LYS A 84 -24.16 2.32 5.00
CA LYS A 84 -25.29 2.42 5.90
C LYS A 84 -25.94 1.08 5.99
N CYS A 85 -26.26 0.66 7.19
CA CYS A 85 -27.05 -0.55 7.37
C CYS A 85 -28.33 -0.18 8.04
N LYS A 86 -29.40 -0.80 7.59
CA LYS A 86 -30.73 -0.47 8.13
C LYS A 86 -31.28 -1.72 8.67
N VAL A 87 -31.72 -1.65 9.93
CA VAL A 87 -32.13 -2.81 10.69
C VAL A 87 -33.60 -2.75 11.13
N ASN A 88 -34.34 -3.75 10.69
CA ASN A 88 -35.74 -4.02 11.09
C ASN A 88 -35.90 -5.29 11.95
N ASN A 89 -36.82 -5.19 12.89
CA ASN A 89 -37.14 -6.33 13.76
C ASN A 89 -38.42 -5.98 14.51
N LYS A 90 -39.27 -6.98 14.73
CA LYS A 90 -40.53 -6.75 15.47
C LYS A 90 -40.46 -5.88 16.70
N ASP A 91 -39.43 -6.10 17.53
CA ASP A 91 -39.33 -5.37 18.79
C ASP A 91 -38.85 -3.92 18.59
N LEU A 92 -38.54 -3.53 17.36
CA LEU A 92 -38.09 -2.16 17.13
C LEU A 92 -39.30 -1.33 16.75
N PRO A 93 -39.61 -0.35 17.61
CA PRO A 93 -40.63 0.63 17.28
C PRO A 93 -40.37 1.38 15.98
N ALA A 94 -39.26 1.13 15.29
CA ALA A 94 -39.00 1.74 13.97
C ALA A 94 -37.59 1.33 13.59
N PRO A 95 -37.26 1.39 12.29
CA PRO A 95 -35.95 0.84 11.91
C PRO A 95 -34.78 1.58 12.56
N ILE A 96 -33.67 0.88 12.74
CA ILE A 96 -32.42 1.49 13.22
C ILE A 96 -31.50 1.55 12.01
N GLU A 97 -30.87 2.71 11.81
CA GLU A 97 -29.86 2.93 10.78
C GLU A 97 -28.53 3.23 11.45
N ARG A 98 -27.44 2.71 10.90
CA ARG A 98 -26.11 3.17 11.33
C ARG A 98 -25.32 3.52 10.08
N THR A 99 -24.56 4.62 10.16
CA THR A 99 -23.69 5.04 9.08
C THR A 99 -22.23 5.16 9.50
N ILE A 100 -21.32 4.87 8.57
CA ILE A 100 -19.90 5.01 8.78
C ILE A 100 -19.21 5.36 7.48
N SER A 101 -18.21 6.25 7.58
CA SER A 101 -17.34 6.48 6.46
C SER A 101 -15.92 6.74 6.93
N LYS A 102 -14.98 6.71 6.02
CA LYS A 102 -13.61 7.11 6.37
C LYS A 102 -13.59 8.62 6.54
N PRO A 103 -13.25 9.09 7.74
CA PRO A 103 -13.22 10.55 7.92
C PRO A 103 -12.07 11.26 7.18
N LYS A 104 -12.34 12.44 6.62
CA LYS A 104 -11.21 13.31 6.21
C LYS A 104 -10.34 13.66 7.44
N GLY A 105 -9.09 13.91 7.14
CA GLY A 105 -8.13 14.26 8.18
C GLY A 105 -6.82 14.40 7.49
N SER A 106 -5.85 14.95 8.19
CA SER A 106 -4.50 15.00 7.64
C SER A 106 -3.99 13.60 7.56
N VAL A 107 -3.05 13.38 6.64
CA VAL A 107 -2.41 12.12 6.53
C VAL A 107 -0.92 12.34 6.73
N ARG A 108 -0.37 11.70 7.74
CA ARG A 108 1.05 11.79 8.05
C ARG A 108 1.59 10.41 8.18
N ALA A 109 2.64 10.13 7.43
CA ALA A 109 3.20 8.84 7.41
C ALA A 109 3.98 8.70 8.70
N PRO A 110 4.01 7.52 9.25
CA PRO A 110 4.81 7.22 10.47
C PRO A 110 6.30 7.17 10.16
N GLN A 111 7.10 7.54 11.15
CA GLN A 111 8.53 7.24 11.23
C GLN A 111 8.65 5.90 11.88
N VAL A 112 9.51 5.03 11.41
CA VAL A 112 9.54 3.67 11.96
C VAL A 112 10.98 3.45 12.42
N TYR A 113 11.19 2.96 13.64
CA TYR A 113 12.55 2.70 14.13
C TYR A 113 12.52 1.37 14.76
N VAL A 114 13.59 0.61 14.60
CA VAL A 114 13.80 -0.59 15.42
C VAL A 114 14.89 -0.39 16.46
N LEU A 115 14.59 -0.79 17.68
CA LEU A 115 15.52 -0.69 18.77
C LEU A 115 16.02 -2.07 19.16
N PRO A 116 17.34 -2.21 19.35
CA PRO A 116 17.91 -3.47 19.80
C PRO A 116 17.52 -3.75 21.25
N PRO A 117 17.80 -4.96 21.74
CA PRO A 117 17.48 -5.26 23.12
C PRO A 117 18.19 -4.34 24.11
N PRO A 118 17.64 -4.19 25.30
CA PRO A 118 18.34 -3.44 26.34
C PRO A 118 19.56 -4.24 26.77
N GLU A 119 20.60 -3.58 27.25
CA GLU A 119 21.82 -4.28 27.64
C GLU A 119 21.58 -5.49 28.60
N GLU A 120 20.92 -5.32 29.73
CA GLU A 120 20.88 -6.41 30.73
C GLU A 120 20.24 -7.68 30.22
N GLU A 121 19.33 -7.54 29.25
CA GLU A 121 18.67 -8.67 28.69
C GLU A 121 19.67 -9.55 27.90
N MET A 122 20.80 -8.95 27.49
CA MET A 122 21.75 -9.64 26.59
C MET A 122 22.19 -10.97 27.11
N THR A 123 21.98 -11.16 28.39
CA THR A 123 22.17 -12.43 28.98
C THR A 123 20.84 -12.85 29.56
N LYS A 124 20.00 -13.34 28.67
CA LYS A 124 18.80 -14.03 29.07
C LYS A 124 18.57 -15.08 27.97
N LYS A 125 17.56 -15.95 28.12
CA LYS A 125 17.27 -16.95 27.08
C LYS A 125 16.74 -16.21 25.82
N GLN A 126 15.65 -15.45 26.00
CA GLN A 126 15.08 -14.63 24.93
C GLN A 126 15.50 -13.19 25.07
N VAL A 127 15.47 -12.46 23.97
CA VAL A 127 15.71 -11.03 23.99
C VAL A 127 14.46 -10.37 23.40
N THR A 128 14.43 -9.06 23.38
CA THR A 128 13.25 -8.40 22.94
C THR A 128 13.63 -7.26 22.01
N LEU A 129 13.14 -7.36 20.79
CA LEU A 129 13.27 -6.27 19.86
C LEU A 129 12.04 -5.37 19.91
N THR A 130 12.25 -4.09 19.68
CA THR A 130 11.18 -3.14 19.79
C THR A 130 11.06 -2.34 18.52
N CYS A 131 9.87 -2.26 17.97
CA CYS A 131 9.62 -1.39 16.81
C CYS A 131 8.86 -0.23 17.30
N MET A 132 9.32 0.95 16.99
CA MET A 132 8.68 2.16 17.50
C MET A 132 8.22 2.96 16.31
N VAL A 133 6.91 3.24 16.30
CA VAL A 133 6.25 3.83 15.15
C VAL A 133 5.57 5.10 15.61
N THR A 134 6.00 6.26 15.16
CA THR A 134 5.59 7.52 15.77
C THR A 134 5.13 8.45 14.69
N ASP A 135 4.42 9.48 15.09
CA ASP A 135 4.17 10.60 14.21
C ASP A 135 3.08 10.38 13.14
N PHE A 136 2.21 9.39 13.27
CA PHE A 136 1.30 9.06 12.18
C PHE A 136 -0.12 9.52 12.37
N MET A 137 -0.75 9.93 11.29
CA MET A 137 -2.19 10.22 11.25
C MET A 137 -2.70 9.70 9.95
N PRO A 138 -3.94 9.18 9.96
CA PRO A 138 -4.83 8.92 11.10
C PRO A 138 -4.29 7.70 11.84
N GLU A 139 -4.97 7.24 12.88
CA GLU A 139 -4.42 6.24 13.77
C GLU A 139 -4.46 4.85 13.19
N ASP A 140 -5.23 4.60 12.15
CA ASP A 140 -5.29 3.24 11.60
C ASP A 140 -3.96 2.75 11.02
N ILE A 141 -3.45 1.60 11.49
CA ILE A 141 -2.14 1.15 11.10
C ILE A 141 -1.99 -0.34 11.30
N TYR A 142 -1.15 -0.98 10.53
CA TYR A 142 -0.89 -2.40 10.76
C TYR A 142 0.62 -2.60 10.83
N VAL A 143 1.04 -3.39 11.80
CA VAL A 143 2.41 -3.62 12.10
C VAL A 143 2.63 -5.11 12.32
N GLU A 144 3.67 -5.64 11.73
CA GLU A 144 4.00 -7.04 12.07
C GLU A 144 5.48 -7.18 11.92
N TRP A 145 6.00 -8.36 12.30
CA TRP A 145 7.42 -8.62 12.14
C TRP A 145 7.69 -9.78 11.19
N THR A 146 8.82 -9.70 10.49
CA THR A 146 9.38 -10.87 9.87
C THR A 146 10.90 -10.99 10.01
N ASN A 147 11.41 -12.09 9.49
CA ASN A 147 12.84 -12.39 9.42
C ASN A 147 13.07 -13.19 8.16
N ASN A 148 13.70 -12.54 7.17
CA ASN A 148 13.77 -13.09 5.82
C ASN A 148 12.39 -13.64 5.43
N GLY A 149 11.43 -12.75 5.24
CA GLY A 149 10.12 -13.09 4.69
C GLY A 149 9.23 -14.06 5.47
N LYS A 150 9.80 -14.78 6.45
CA LYS A 150 9.00 -15.64 7.35
C LYS A 150 8.36 -14.73 8.38
N THR A 151 7.03 -14.68 8.37
CA THR A 151 6.34 -13.76 9.27
C THR A 151 6.43 -14.31 10.71
N GLU A 152 6.67 -13.45 11.69
CA GLU A 152 6.97 -13.96 13.03
C GLU A 152 5.72 -14.27 13.81
N LEU A 153 5.78 -15.31 14.61
CA LEU A 153 4.64 -15.66 15.43
C LEU A 153 4.58 -14.68 16.62
N ASN A 154 5.71 -14.48 17.32
CA ASN A 154 5.62 -14.02 18.71
C ASN A 154 5.99 -12.56 18.95
N TYR A 155 5.12 -11.72 18.44
CA TYR A 155 5.19 -10.27 18.65
C TYR A 155 3.83 -9.78 19.13
N LYS A 156 3.80 -8.63 19.81
CA LYS A 156 2.55 -8.09 20.26
C LYS A 156 2.71 -6.60 20.05
N ASN A 157 1.64 -5.96 19.57
CA ASN A 157 1.60 -4.57 19.34
C ASN A 157 0.84 -3.94 20.50
N THR A 158 1.18 -2.73 20.86
CA THR A 158 0.30 -1.97 21.66
C THR A 158 -0.77 -1.34 20.76
N GLU A 159 -1.80 -0.76 21.39
CA GLU A 159 -2.80 -0.02 20.64
C GLU A 159 -2.17 1.33 20.45
N PRO A 160 -2.61 2.10 19.43
CA PRO A 160 -2.07 3.45 19.26
C PRO A 160 -2.46 4.42 20.34
N VAL A 161 -1.60 5.41 20.57
CA VAL A 161 -1.76 6.36 21.60
C VAL A 161 -1.70 7.74 20.96
N LEU A 162 -2.61 8.60 21.35
CA LEU A 162 -2.63 9.99 20.91
C LEU A 162 -1.49 10.70 21.58
N ASP A 163 -0.54 11.13 20.78
CA ASP A 163 0.62 11.72 21.31
C ASP A 163 0.23 13.15 21.55
N SER A 164 1.14 13.91 22.16
CA SER A 164 0.86 15.32 22.46
C SER A 164 0.82 16.32 21.29
N ASP A 165 1.49 16.06 20.17
CA ASP A 165 1.29 16.92 18.96
C ASP A 165 0.06 16.51 18.12
N GLY A 166 -0.81 15.71 18.69
CA GLY A 166 -1.99 15.28 17.98
C GLY A 166 -1.72 14.14 17.01
N SER A 167 -0.47 13.70 16.84
CA SER A 167 -0.25 12.48 16.06
C SER A 167 -0.34 11.25 16.93
N TYR A 168 -0.27 10.09 16.31
CA TYR A 168 -0.32 8.80 17.01
C TYR A 168 1.03 8.14 17.09
N PHE A 169 1.25 7.33 18.12
CA PHE A 169 2.35 6.38 18.10
C PHE A 169 1.93 4.99 18.58
N MET A 170 2.80 4.03 18.30
CA MET A 170 2.67 2.71 18.95
C MET A 170 3.97 1.96 18.98
N TYR A 171 3.99 0.86 19.67
CA TYR A 171 5.16 0.06 19.79
C TYR A 171 4.77 -1.33 19.49
N SER A 172 5.72 -2.08 18.96
CA SER A 172 5.55 -3.46 18.70
C SER A 172 6.74 -4.18 19.29
N LYS A 173 6.49 -5.25 20.05
CA LYS A 173 7.54 -5.98 20.72
C LYS A 173 7.67 -7.39 20.17
N LEU A 174 8.89 -7.80 19.81
CA LEU A 174 9.17 -9.16 19.31
C LEU A 174 10.15 -9.90 20.23
N ARG A 175 9.73 -11.05 20.76
CA ARG A 175 10.60 -11.93 21.55
C ARG A 175 11.24 -12.98 20.66
N VAL A 176 12.56 -13.02 20.69
CA VAL A 176 13.36 -13.97 19.93
C VAL A 176 14.41 -14.67 20.80
N GLU A 177 14.91 -15.82 20.33
CA GLU A 177 15.95 -16.57 21.03
C GLU A 177 17.28 -15.85 20.93
N LYS A 178 17.91 -15.66 22.08
CA LYS A 178 19.20 -14.93 22.15
C LYS A 178 20.17 -15.44 21.07
N LYS A 179 20.22 -16.77 20.95
CA LYS A 179 21.06 -17.44 19.95
C LYS A 179 20.95 -16.74 18.59
N ASN A 180 19.71 -16.47 18.21
CA ASN A 180 19.40 -15.88 16.91
C ASN A 180 19.93 -14.49 16.75
N TRP A 181 19.59 -13.65 17.72
CA TRP A 181 20.07 -12.30 17.70
C TRP A 181 21.60 -12.23 17.49
N VAL A 182 22.35 -13.25 17.90
CA VAL A 182 23.78 -13.26 17.54
C VAL A 182 23.94 -13.76 16.10
N GLU A 183 24.08 -15.06 15.89
CA GLU A 183 24.53 -15.55 14.57
C GLU A 183 23.68 -14.96 13.43
N ARG A 184 24.35 -14.59 12.35
CA ARG A 184 23.73 -13.97 11.17
C ARG A 184 22.39 -13.26 11.53
N ASN A 185 21.29 -13.74 10.94
CA ASN A 185 19.91 -13.32 11.21
C ASN A 185 19.54 -11.86 11.01
N SER A 186 18.34 -11.68 10.47
CA SER A 186 17.78 -10.40 10.11
C SER A 186 16.37 -10.34 10.67
N TYR A 187 16.03 -9.20 11.26
CA TYR A 187 14.67 -9.00 11.74
C TYR A 187 14.13 -7.69 11.20
N SER A 188 12.85 -7.74 10.82
CA SER A 188 12.20 -6.61 10.18
C SER A 188 10.82 -6.39 10.74
N CYS A 189 10.61 -5.12 11.08
CA CYS A 189 9.35 -4.53 11.43
C CYS A 189 8.70 -3.98 10.14
N SER A 190 7.51 -4.47 9.73
CA SER A 190 6.75 -3.96 8.52
C SER A 190 5.55 -3.23 8.93
N VAL A 191 5.42 -2.03 8.42
CA VAL A 191 4.32 -1.20 8.76
C VAL A 191 3.48 -0.85 7.54
N VAL A 192 2.15 -0.92 7.66
CA VAL A 192 1.22 -0.52 6.60
C VAL A 192 0.39 0.61 7.13
N HIS A 193 0.42 1.72 6.37
CA HIS A 193 -0.26 2.94 6.70
C HIS A 193 -0.50 3.67 5.41
N GLU A 194 -1.64 4.34 5.29
CA GLU A 194 -2.00 5.04 4.06
C GLU A 194 -1.08 6.23 3.67
N GLY A 195 -0.24 6.68 4.58
CA GLY A 195 0.62 7.82 4.31
C GLY A 195 1.95 7.43 3.69
N LEU A 196 2.18 6.13 3.62
CA LEU A 196 3.47 5.61 3.21
C LEU A 196 3.42 5.29 1.72
N HIS A 197 4.55 5.57 1.05
CA HIS A 197 4.72 5.36 -0.33
C HIS A 197 4.44 3.89 -0.58
N ASN A 198 3.52 3.62 -1.47
CA ASN A 198 3.09 2.22 -1.80
C ASN A 198 2.55 1.52 -0.56
N HIS A 199 2.11 2.31 0.39
CA HIS A 199 1.46 1.76 1.61
C HIS A 199 2.25 1.07 2.66
N HIS A 200 3.55 0.97 2.50
CA HIS A 200 4.30 0.12 3.38
C HIS A 200 5.75 0.55 3.52
N THR A 201 6.34 0.31 4.69
CA THR A 201 7.77 0.42 4.85
C THR A 201 8.22 -0.68 5.81
N THR A 202 9.45 -1.12 5.63
CA THR A 202 9.97 -2.07 6.56
C THR A 202 11.30 -1.55 6.97
N LYS A 203 11.53 -1.71 8.25
CA LYS A 203 12.78 -1.36 8.87
C LYS A 203 13.40 -2.61 9.41
N SER A 204 14.71 -2.65 9.28
CA SER A 204 15.44 -3.86 9.46
C SER A 204 16.62 -3.64 10.40
N PHE A 205 17.05 -4.74 11.01
CA PHE A 205 18.45 -4.90 11.41
C PHE A 205 18.73 -6.22 12.16
N SER A 206 19.95 -6.32 12.68
CA SER A 206 20.41 -7.51 13.41
C SER A 206 21.62 -7.23 14.38
N ARG A 207 22.21 -8.31 14.91
CA ARG A 207 23.53 -8.31 15.57
C ARG A 207 24.44 -7.15 15.18
N SER A 208 24.77 -6.28 16.14
CA SER A 208 25.59 -5.12 15.82
C SER A 208 27.06 -5.46 16.01
N HIS B 1 19.52 10.20 -27.77
CA HIS B 1 19.62 8.72 -27.60
C HIS B 1 18.22 8.08 -27.37
N MET B 2 17.19 8.73 -27.95
CA MET B 2 15.80 8.31 -27.77
C MET B 2 15.68 6.84 -28.20
N VAL B 3 14.74 6.14 -27.58
CA VAL B 3 14.54 4.68 -27.75
C VAL B 3 13.03 4.51 -27.64
N HIS B 4 12.49 3.54 -28.34
CA HIS B 4 11.03 3.38 -28.45
C HIS B 4 10.58 2.32 -27.47
N ILE B 5 9.97 2.75 -26.38
CA ILE B 5 9.61 1.85 -25.32
C ILE B 5 8.17 1.46 -25.51
N THR B 6 7.92 0.16 -25.34
CA THR B 6 6.60 -0.40 -25.24
C THR B 6 6.53 -1.21 -23.95
N LEU B 7 5.33 -1.34 -23.43
CA LEU B 7 5.10 -2.12 -22.21
C LEU B 7 4.98 -3.63 -22.45
N ASP B 8 5.48 -4.44 -21.51
CA ASP B 8 5.46 -5.92 -21.51
C ASP B 8 4.24 -6.34 -20.67
N ARG B 9 3.17 -6.68 -21.38
CA ARG B 9 1.91 -7.07 -20.75
C ARG B 9 2.07 -8.10 -19.70
N ASN B 10 2.96 -9.08 -19.97
CA ASN B 10 3.17 -10.19 -19.08
C ASN B 10 3.70 -9.77 -17.75
N THR B 11 4.20 -8.54 -17.63
CA THR B 11 4.76 -8.09 -16.36
C THR B 11 3.80 -7.26 -15.55
N ALA B 12 2.68 -6.87 -16.14
CA ALA B 12 1.76 -5.89 -15.60
C ALA B 12 0.94 -6.43 -14.46
N ASN B 13 0.87 -5.70 -13.37
CA ASN B 13 -0.07 -6.02 -12.31
C ASN B 13 -1.40 -6.26 -12.94
N SER B 14 -2.15 -7.28 -12.48
CA SER B 14 -3.34 -7.71 -13.24
C SER B 14 -4.51 -6.71 -13.21
N TRP B 15 -4.36 -5.61 -12.49
CA TRP B 15 -5.38 -4.62 -12.49
C TRP B 15 -5.11 -3.51 -13.55
N LEU B 16 -4.00 -3.57 -14.30
CA LEU B 16 -3.64 -2.45 -15.21
C LEU B 16 -4.27 -2.71 -16.56
N ILE B 17 -4.63 -1.60 -17.22
CA ILE B 17 -5.22 -1.64 -18.55
C ILE B 17 -4.27 -0.98 -19.50
N ILE B 18 -3.74 -1.76 -20.45
CA ILE B 18 -2.64 -1.34 -21.33
C ILE B 18 -3.25 -1.23 -22.67
N SER B 19 -3.00 -0.12 -23.34
CA SER B 19 -3.54 0.10 -24.69
C SER B 19 -3.03 -0.93 -25.71
N LYS B 20 -3.72 -1.06 -26.84
CA LYS B 20 -3.29 -2.01 -27.88
C LYS B 20 -1.86 -1.76 -28.38
N ASP B 21 -1.44 -0.52 -28.48
CA ASP B 21 -0.13 -0.18 -29.01
C ASP B 21 0.92 -0.32 -27.88
N ARG B 22 0.45 -0.72 -26.72
CA ARG B 22 1.29 -0.91 -25.56
C ARG B 22 2.13 0.33 -25.21
N ARG B 23 1.61 1.53 -25.51
CA ARG B 23 2.27 2.78 -25.22
C ARG B 23 1.55 3.53 -24.09
N GLN B 24 0.40 3.04 -23.62
CA GLN B 24 -0.25 3.62 -22.46
C GLN B 24 -0.77 2.59 -21.50
N VAL B 25 -0.87 3.02 -20.25
CA VAL B 25 -1.31 2.19 -19.16
C VAL B 25 -2.06 3.02 -18.09
N ARG B 26 -3.13 2.44 -17.58
CA ARG B 26 -3.92 3.10 -16.56
C ARG B 26 -4.35 2.07 -15.56
N MET B 27 -4.67 2.52 -14.34
CA MET B 27 -5.06 1.60 -13.29
C MET B 27 -6.54 1.38 -13.45
N GLY B 28 -6.95 0.13 -13.60
CA GLY B 28 -8.37 -0.15 -13.66
C GLY B 28 -9.05 -0.32 -12.31
N ASP B 29 -10.37 -0.25 -12.33
CA ASP B 29 -11.14 -0.36 -11.09
C ASP B 29 -11.36 -1.81 -10.66
N THR B 30 -11.04 -2.75 -11.53
CA THR B 30 -11.27 -4.14 -11.25
C THR B 30 -10.08 -5.02 -11.72
N HIS B 31 -9.88 -6.15 -11.05
CA HIS B 31 -9.00 -7.23 -11.52
C HIS B 31 -9.33 -7.50 -12.95
N GLN B 32 -8.29 -7.73 -13.73
CA GLN B 32 -8.43 -7.54 -15.14
C GLN B 32 -8.32 -8.76 -15.97
N ASN B 33 -8.22 -9.97 -15.43
CA ASN B 33 -8.61 -11.09 -16.31
C ASN B 33 -7.56 -11.32 -17.40
N VAL B 34 -6.39 -11.62 -16.90
CA VAL B 34 -5.18 -11.83 -17.63
C VAL B 34 -4.67 -12.96 -16.76
N SER B 35 -3.82 -13.83 -17.28
CA SER B 35 -3.51 -15.02 -16.50
C SER B 35 -2.32 -14.72 -15.59
N ASP B 36 -2.26 -15.35 -14.43
CA ASP B 36 -1.15 -15.08 -13.54
C ASP B 36 0.10 -15.75 -14.09
N ASN B 37 1.26 -15.24 -13.72
CA ASN B 37 2.53 -15.83 -14.09
C ASN B 37 3.57 -15.25 -13.12
N LYS B 38 4.81 -15.72 -13.20
CA LYS B 38 5.83 -15.32 -12.20
C LYS B 38 6.44 -13.89 -12.41
N GLU B 39 6.17 -13.31 -13.55
CA GLU B 39 6.79 -12.03 -13.91
C GLU B 39 6.00 -10.82 -13.42
N ARG B 40 4.77 -11.07 -13.06
CA ARG B 40 3.77 -10.08 -12.96
C ARG B 40 3.83 -9.58 -11.53
N PHE B 41 3.97 -8.29 -11.42
CA PHE B 41 4.01 -7.66 -10.11
C PHE B 41 2.66 -7.84 -9.41
N SER B 42 2.68 -8.46 -8.25
CA SER B 42 1.46 -8.81 -7.57
C SER B 42 0.82 -7.72 -6.77
N ASN B 43 1.61 -6.95 -6.03
CA ASN B 43 1.08 -6.10 -5.01
C ASN B 43 0.90 -4.63 -5.43
N TYR B 44 1.50 -4.20 -6.54
CA TYR B 44 1.48 -2.77 -6.85
C TYR B 44 1.15 -2.64 -8.28
N PRO B 45 0.64 -1.48 -8.71
CA PRO B 45 0.29 -1.20 -10.10
C PRO B 45 1.51 -0.96 -11.06
N MET B 46 2.44 -1.92 -11.09
CA MET B 46 3.69 -1.71 -11.79
C MET B 46 3.71 -2.57 -13.02
N VAL B 47 4.62 -2.22 -13.92
CA VAL B 47 4.80 -2.81 -15.19
C VAL B 47 6.20 -2.41 -15.73
N LEU B 48 6.79 -3.29 -16.49
CA LEU B 48 8.08 -3.04 -17.14
C LEU B 48 7.93 -2.79 -18.60
N GLY B 49 8.94 -2.17 -19.17
CA GLY B 49 9.04 -2.02 -20.59
C GLY B 49 9.57 -3.35 -21.14
N ALA B 50 9.26 -3.63 -22.41
CA ALA B 50 9.68 -4.86 -23.07
C ALA B 50 11.16 -4.86 -23.34
N GLN B 51 11.71 -3.70 -23.53
CA GLN B 51 13.12 -3.57 -23.86
C GLN B 51 14.02 -3.88 -22.65
N ARG B 52 15.23 -4.34 -22.97
CA ARG B 52 16.24 -4.76 -22.02
C ARG B 52 17.54 -4.20 -22.53
N PHE B 53 18.30 -3.49 -21.69
CA PHE B 53 19.55 -2.91 -22.12
C PHE B 53 20.64 -3.39 -21.20
N SER B 54 21.78 -3.59 -21.80
CA SER B 54 23.00 -4.00 -21.14
C SER B 54 24.21 -3.15 -21.51
N SER B 55 23.99 -2.09 -22.29
CA SER B 55 25.06 -1.21 -22.65
C SER B 55 24.48 -0.01 -23.29
N GLY B 56 25.32 0.97 -23.59
CA GLY B 56 24.87 2.19 -24.28
C GLY B 56 24.09 3.21 -23.46
N LYS B 57 23.56 4.18 -24.18
CA LYS B 57 22.87 5.34 -23.62
C LYS B 57 21.46 5.21 -24.12
N MET B 58 20.46 5.34 -23.26
CA MET B 58 19.04 5.24 -23.63
C MET B 58 18.28 6.37 -22.99
N TYR B 59 17.30 6.92 -23.71
CA TYR B 59 16.52 8.01 -23.23
C TYR B 59 15.08 7.82 -23.62
N TRP B 60 14.15 8.09 -22.73
CA TRP B 60 12.75 8.07 -23.09
C TRP B 60 11.93 9.03 -22.21
N GLU B 61 10.72 9.35 -22.65
CA GLU B 61 9.89 10.31 -21.99
C GLU B 61 8.56 9.75 -21.57
N VAL B 62 8.04 10.25 -20.46
CA VAL B 62 6.76 9.79 -19.96
C VAL B 62 5.90 10.94 -19.53
N ASP B 63 4.67 10.86 -20.01
CA ASP B 63 3.65 11.81 -19.72
C ASP B 63 2.96 11.41 -18.44
N VAL B 64 2.96 12.35 -17.49
CA VAL B 64 2.33 12.14 -16.23
C VAL B 64 1.25 13.16 -15.98
N THR B 65 0.71 13.76 -17.02
CA THR B 65 -0.25 14.85 -16.87
C THR B 65 -1.44 14.47 -15.95
N GLN B 66 -1.76 15.34 -14.99
CA GLN B 66 -2.92 15.19 -14.13
C GLN B 66 -2.81 14.08 -13.10
N LYS B 67 -1.66 13.45 -12.92
CA LYS B 67 -1.59 12.24 -12.09
C LYS B 67 -1.17 12.68 -10.76
N GLU B 68 -1.66 12.01 -9.72
CA GLU B 68 -1.30 12.44 -8.37
C GLU B 68 -0.29 11.49 -7.74
N ALA B 69 -0.07 10.33 -8.35
CA ALA B 69 0.92 9.41 -7.84
C ALA B 69 1.47 8.59 -8.99
N TRP B 70 2.79 8.33 -8.97
CA TRP B 70 3.44 7.44 -9.93
C TRP B 70 4.86 7.20 -9.46
N ASP B 71 5.47 6.11 -9.97
CA ASP B 71 6.91 5.87 -9.87
C ASP B 71 7.45 5.66 -11.28
N LEU B 72 8.62 6.21 -11.56
CA LEU B 72 9.25 6.01 -12.84
C LEU B 72 10.74 5.79 -12.73
N GLY B 73 11.29 4.95 -13.60
CA GLY B 73 12.74 4.85 -13.63
C GLY B 73 13.17 3.68 -14.44
N VAL B 74 14.18 3.00 -13.93
CA VAL B 74 14.62 1.75 -14.54
C VAL B 74 14.86 0.75 -13.53
N CYS B 75 15.00 -0.52 -13.93
CA CYS B 75 15.27 -1.45 -12.87
C CYS B 75 15.89 -2.70 -13.45
N ARG B 76 16.47 -3.53 -12.58
CA ARG B 76 17.13 -4.75 -13.06
C ARG B 76 16.12 -5.71 -13.62
N ASP B 77 16.52 -6.52 -14.57
CA ASP B 77 15.61 -7.60 -15.02
C ASP B 77 15.29 -8.50 -13.83
N SER B 78 16.20 -8.61 -12.88
CA SER B 78 16.02 -9.65 -11.86
C SER B 78 15.30 -9.15 -10.62
N VAL B 79 14.68 -7.97 -10.66
CA VAL B 79 14.00 -7.50 -9.47
C VAL B 79 12.83 -8.39 -9.09
N GLN B 80 12.58 -8.35 -7.80
CA GLN B 80 11.43 -9.00 -7.17
C GLN B 80 10.13 -8.54 -7.74
N ARG B 81 9.22 -9.45 -7.99
CA ARG B 81 7.89 -9.22 -8.58
C ARG B 81 6.75 -9.40 -7.59
N LYS B 82 6.89 -10.32 -6.64
CA LYS B 82 5.78 -10.74 -5.75
C LYS B 82 5.96 -10.20 -4.34
N GLY B 83 4.85 -10.01 -3.64
CA GLY B 83 4.92 -9.58 -2.27
C GLY B 83 5.33 -8.13 -2.11
N GLN B 84 5.78 -7.82 -0.92
CA GLN B 84 5.96 -6.44 -0.49
C GLN B 84 7.41 -6.13 -0.67
N PHE B 85 7.75 -4.97 -1.23
CA PHE B 85 9.18 -4.58 -1.35
C PHE B 85 9.26 -3.08 -1.55
N SER B 86 10.43 -2.54 -1.23
CA SER B 86 10.71 -1.16 -1.45
C SER B 86 11.61 -0.94 -2.70
N LEU B 87 11.39 0.20 -3.36
CA LEU B 87 12.19 0.62 -4.51
C LEU B 87 13.46 1.27 -4.00
N SER B 88 14.61 0.70 -4.24
CA SER B 88 15.85 1.30 -3.77
C SER B 88 16.92 0.69 -4.63
N PRO B 89 18.07 1.34 -4.75
CA PRO B 89 19.10 0.73 -5.54
C PRO B 89 19.54 -0.61 -5.03
N GLU B 90 19.61 -0.80 -3.72
CA GLU B 90 19.85 -2.17 -3.17
C GLU B 90 18.97 -3.25 -3.73
N ASN B 91 17.70 -2.94 -3.96
CA ASN B 91 16.76 -3.94 -4.48
C ASN B 91 16.69 -3.90 -5.99
N GLY B 92 17.58 -3.16 -6.64
CA GLY B 92 17.58 -3.09 -8.10
C GLY B 92 16.69 -2.10 -8.85
N PHE B 93 16.36 -0.96 -8.24
CA PHE B 93 15.47 0.01 -8.85
C PHE B 93 16.13 1.37 -8.70
N TRP B 94 16.15 2.19 -9.73
CA TRP B 94 16.64 3.59 -9.71
C TRP B 94 15.43 4.39 -10.23
N THR B 95 14.73 5.01 -9.32
CA THR B 95 13.42 5.55 -9.59
C THR B 95 13.25 6.87 -8.90
N ILE B 96 12.32 7.63 -9.38
CA ILE B 96 11.79 8.73 -8.65
C ILE B 96 10.27 8.58 -8.64
N TRP B 97 9.65 9.37 -7.79
CA TRP B 97 8.22 9.32 -7.64
C TRP B 97 7.54 10.56 -7.09
N LEU B 98 6.22 10.55 -7.34
CA LEU B 98 5.30 11.54 -6.82
C LEU B 98 4.39 10.79 -5.88
N TRP B 99 4.35 11.24 -4.63
CA TRP B 99 3.51 10.66 -3.62
C TRP B 99 3.05 11.68 -2.66
N GLN B 100 1.73 11.83 -2.57
CA GLN B 100 1.08 12.79 -1.70
C GLN B 100 1.68 14.21 -1.69
N LYS B 101 1.71 14.80 -2.87
CA LYS B 101 2.26 16.13 -3.09
C LYS B 101 3.77 16.31 -2.83
N SER B 102 4.54 15.23 -2.69
CA SER B 102 5.98 15.29 -2.78
C SER B 102 6.58 14.38 -3.80
N TYR B 103 7.64 14.91 -4.35
CA TYR B 103 8.56 14.29 -5.25
C TYR B 103 9.75 13.80 -4.48
N GLU B 104 10.08 12.49 -4.66
CA GLU B 104 11.15 11.87 -3.94
C GLU B 104 12.01 11.06 -4.91
N ALA B 105 13.30 10.93 -4.60
CA ALA B 105 14.09 9.93 -5.27
C ALA B 105 14.10 8.70 -4.44
N GLY B 106 14.04 7.55 -5.11
CA GLY B 106 14.00 6.27 -4.46
C GLY B 106 15.33 5.80 -3.94
N THR B 107 15.99 6.61 -3.13
CA THR B 107 17.18 6.17 -2.43
C THR B 107 16.69 5.57 -1.14
N SER B 108 17.54 4.92 -0.36
CA SER B 108 17.12 4.59 1.00
C SER B 108 17.99 5.13 2.08
N PRO B 109 17.41 5.89 2.96
CA PRO B 109 16.01 6.33 2.87
C PRO B 109 15.83 7.25 1.69
N GLN B 110 14.62 7.59 1.41
CA GLN B 110 14.30 8.37 0.22
C GLN B 110 14.82 9.83 0.27
N THR B 111 15.05 10.45 -0.87
CA THR B 111 15.65 11.79 -0.90
C THR B 111 14.60 12.79 -1.44
N THR B 112 14.38 13.93 -0.75
CA THR B 112 13.34 14.90 -1.16
C THR B 112 13.83 15.64 -2.36
N LEU B 113 13.00 15.72 -3.37
CA LEU B 113 13.41 16.36 -4.62
C LEU B 113 12.94 17.77 -4.52
N HIS B 114 13.64 18.70 -5.16
CA HIS B 114 13.27 20.10 -5.12
C HIS B 114 12.86 20.45 -6.55
N ILE B 115 11.58 20.40 -6.84
CA ILE B 115 11.15 20.70 -8.21
C ILE B 115 10.31 21.97 -8.27
N GLN B 116 10.77 22.96 -9.00
CA GLN B 116 10.16 24.28 -9.02
C GLN B 116 8.91 24.15 -9.87
N VAL B 117 8.99 23.47 -11.00
CA VAL B 117 7.82 23.44 -11.89
C VAL B 117 7.30 22.04 -11.99
N PRO B 118 6.14 21.76 -11.39
CA PRO B 118 5.70 20.39 -11.35
C PRO B 118 5.62 19.79 -12.75
N PRO B 119 6.21 18.61 -12.98
CA PRO B 119 6.24 18.15 -14.35
C PRO B 119 5.03 17.44 -14.86
N CYS B 120 4.71 17.63 -16.13
CA CYS B 120 3.68 16.88 -16.83
C CYS B 120 4.30 15.79 -17.69
N GLN B 121 5.60 15.91 -17.95
CA GLN B 121 6.35 14.88 -18.62
C GLN B 121 7.77 14.75 -18.12
N ILE B 122 8.27 13.53 -17.99
CA ILE B 122 9.60 13.30 -17.47
C ILE B 122 10.42 12.54 -18.47
N GLY B 123 11.68 12.97 -18.60
CA GLY B 123 12.68 12.25 -19.35
C GLY B 123 13.63 11.45 -18.49
N ILE B 124 13.82 10.20 -18.88
CA ILE B 124 14.68 9.27 -18.18
C ILE B 124 15.85 8.95 -19.10
N PHE B 125 17.05 9.05 -18.55
CA PHE B 125 18.26 8.87 -19.25
C PHE B 125 19.06 7.83 -18.51
N VAL B 126 19.43 6.75 -19.17
CA VAL B 126 20.34 5.79 -18.62
C VAL B 126 21.63 5.78 -19.47
N ASP B 127 22.77 5.87 -18.82
CA ASP B 127 24.07 5.62 -19.45
C ASP B 127 24.65 4.40 -18.79
N TYR B 128 24.49 3.22 -19.38
CA TYR B 128 24.94 2.01 -18.77
C TYR B 128 26.41 2.03 -18.38
N GLU B 129 27.27 2.37 -19.29
CA GLU B 129 28.68 2.31 -19.00
C GLU B 129 29.08 3.30 -17.98
N ALA B 130 28.56 4.53 -18.02
CA ALA B 130 28.93 5.44 -16.93
C ALA B 130 28.28 5.12 -15.58
N GLY B 131 27.36 4.15 -15.53
CA GLY B 131 26.65 3.89 -14.24
C GLY B 131 25.76 5.06 -13.74
N VAL B 132 25.03 5.64 -14.68
CA VAL B 132 24.18 6.80 -14.47
C VAL B 132 22.68 6.69 -14.92
N VAL B 133 21.77 7.06 -14.04
CA VAL B 133 20.38 7.26 -14.37
C VAL B 133 20.00 8.68 -14.00
N SER B 134 19.43 9.47 -14.90
CA SER B 134 19.12 10.85 -14.59
C SER B 134 17.69 11.09 -15.05
N PHE B 135 17.09 12.05 -14.41
CA PHE B 135 15.70 12.38 -14.67
C PHE B 135 15.61 13.87 -14.99
N TYR B 136 14.77 14.19 -15.95
CA TYR B 136 14.68 15.50 -16.51
C TYR B 136 13.27 16.03 -16.58
N ASN B 137 13.10 17.33 -16.28
CA ASN B 137 11.80 17.96 -16.34
C ASN B 137 11.53 18.62 -17.71
N ILE B 138 10.76 17.94 -18.53
CA ILE B 138 10.48 18.41 -19.90
C ILE B 138 9.57 19.62 -19.94
N THR B 139 8.58 19.65 -19.06
CA THR B 139 7.78 20.83 -18.86
C THR B 139 8.66 22.05 -18.59
N ASP B 140 9.74 21.88 -17.85
CA ASP B 140 10.65 22.98 -17.47
C ASP B 140 11.93 22.99 -18.27
N HIS B 141 11.81 22.88 -19.59
CA HIS B 141 12.94 23.00 -20.50
C HIS B 141 13.98 21.96 -20.24
N GLY B 142 13.56 20.80 -19.75
CA GLY B 142 14.48 19.70 -19.57
C GLY B 142 15.43 19.85 -18.43
N SER B 143 15.10 20.70 -17.48
CA SER B 143 15.98 20.92 -16.34
C SER B 143 16.18 19.62 -15.53
N LEU B 144 17.33 19.46 -14.90
CA LEU B 144 17.59 18.28 -14.14
C LEU B 144 16.76 18.17 -12.89
N ILE B 145 16.21 16.98 -12.67
CA ILE B 145 15.55 16.63 -11.42
C ILE B 145 16.44 15.77 -10.48
N TYR B 146 17.09 14.72 -11.00
CA TYR B 146 17.80 13.80 -10.12
C TYR B 146 18.72 12.93 -10.94
N THR B 147 19.91 12.68 -10.39
CA THR B 147 20.93 11.85 -11.03
C THR B 147 21.43 10.86 -10.02
N PHE B 148 21.19 9.60 -10.30
CA PHE B 148 21.81 8.52 -9.59
C PHE B 148 23.16 8.29 -10.23
N SER B 149 24.25 8.28 -9.46
CA SER B 149 25.54 7.94 -10.07
C SER B 149 26.20 6.84 -9.27
N GLU B 150 27.33 6.35 -9.77
CA GLU B 150 27.89 5.03 -9.41
C GLU B 150 26.93 3.87 -9.26
N CYS B 151 26.02 3.71 -10.18
CA CYS B 151 25.00 2.68 -10.06
C CYS B 151 25.64 1.34 -10.30
N VAL B 152 25.13 0.31 -9.61
CA VAL B 152 25.55 -1.06 -9.78
C VAL B 152 24.42 -1.82 -10.46
N PHE B 153 24.39 -1.73 -11.76
CA PHE B 153 23.26 -2.25 -12.47
C PHE B 153 23.29 -3.77 -12.28
N ALA B 154 24.46 -4.36 -12.28
CA ALA B 154 24.56 -5.86 -12.08
C ALA B 154 23.71 -6.76 -12.98
N GLY B 155 23.36 -6.25 -14.17
CA GLY B 155 22.63 -7.05 -15.14
C GLY B 155 21.91 -6.19 -16.11
N PRO B 156 21.06 -6.84 -16.93
CA PRO B 156 20.20 -6.16 -17.86
C PRO B 156 19.21 -5.24 -17.15
N LEU B 157 18.94 -4.09 -17.78
CA LEU B 157 17.99 -3.14 -17.23
C LEU B 157 16.71 -3.14 -18.06
N ARG B 158 15.62 -2.82 -17.40
CA ARG B 158 14.29 -2.62 -18.01
C ARG B 158 13.66 -1.27 -17.55
N PRO B 159 13.02 -0.53 -18.43
CA PRO B 159 12.27 0.67 -18.07
C PRO B 159 11.20 0.22 -17.04
N PHE B 160 10.98 1.02 -16.02
CA PHE B 160 10.11 0.64 -14.92
C PHE B 160 9.03 1.68 -14.72
N PHE B 161 7.79 1.21 -14.44
CA PHE B 161 6.65 2.11 -14.27
C PHE B 161 5.72 1.67 -13.17
N ASN B 162 5.28 2.66 -12.38
CA ASN B 162 4.21 2.45 -11.41
C ASN B 162 3.15 3.48 -11.70
N VAL B 163 1.97 2.98 -12.08
CA VAL B 163 0.89 3.88 -12.40
C VAL B 163 0.29 4.51 -11.18
N GLY B 164 0.51 3.91 -10.02
CA GLY B 164 -0.11 4.37 -8.80
C GLY B 164 -1.45 3.68 -8.55
N PHE B 165 -1.79 3.39 -7.31
CA PHE B 165 -3.12 3.08 -6.95
C PHE B 165 -4.02 4.28 -7.22
N ASN B 166 -5.30 3.99 -7.35
CA ASN B 166 -6.28 5.04 -7.50
C ASN B 166 -7.49 4.75 -6.61
N TYR B 167 -7.22 4.45 -5.36
CA TYR B 167 -8.26 4.35 -4.36
C TYR B 167 -8.95 5.67 -4.06
N SER B 168 -8.22 6.76 -4.24
CA SER B 168 -8.72 8.13 -4.01
C SER B 168 -9.70 8.64 -5.03
N GLY B 169 -9.60 8.13 -6.26
CA GLY B 169 -10.24 8.78 -7.41
C GLY B 169 -9.49 9.92 -8.13
N GLY B 170 -8.49 10.53 -7.48
CA GLY B 170 -7.69 11.60 -8.11
C GLY B 170 -6.53 11.14 -9.02
N ASN B 171 -6.40 9.86 -9.31
CA ASN B 171 -5.25 9.42 -10.06
C ASN B 171 -5.58 8.47 -11.17
N ALA B 172 -6.70 8.67 -11.86
CA ALA B 172 -7.08 7.78 -12.92
C ALA B 172 -6.26 7.98 -14.19
N ALA B 173 -5.66 9.16 -14.36
CA ALA B 173 -5.02 9.42 -15.62
C ALA B 173 -3.89 8.39 -15.86
N PRO B 174 -3.60 8.08 -17.14
CA PRO B 174 -2.67 7.04 -17.48
C PRO B 174 -1.29 7.62 -17.54
N LEU B 175 -0.29 6.73 -17.54
CA LEU B 175 1.07 7.06 -18.03
C LEU B 175 1.07 6.84 -19.53
N LYS B 176 1.65 7.79 -20.29
CA LYS B 176 1.84 7.66 -21.77
C LYS B 176 3.33 7.77 -22.19
N LEU B 177 3.78 6.82 -23.03
CA LEU B 177 5.13 6.84 -23.58
C LEU B 177 5.13 7.74 -24.75
N CYS B 178 6.04 8.68 -24.76
CA CYS B 178 5.72 9.91 -25.43
C CYS B 178 6.08 9.87 -26.84
N PRO B 179 5.21 10.49 -27.69
CA PRO B 179 5.45 10.69 -29.11
C PRO B 179 6.92 11.09 -29.37
N LEU B 180 7.73 10.13 -29.82
CA LEU B 180 9.13 10.41 -30.19
C LEU B 180 9.12 11.40 -31.37
C1 NAG C . -26.20 -9.13 26.67
C2 NAG C . -26.10 -7.63 26.71
C3 NAG C . -25.49 -7.12 25.41
C4 NAG C . -24.12 -7.70 25.13
C5 NAG C . -24.40 -9.16 25.02
C6 NAG C . -23.08 -9.79 24.98
C7 NAG C . -27.67 -6.23 27.80
C8 NAG C . -29.10 -5.84 27.80
N2 NAG C . -27.39 -7.07 26.84
O3 NAG C . -25.46 -5.72 25.50
O4 NAG C . -23.49 -7.36 23.88
O5 NAG C . -24.99 -9.66 26.21
O6 NAG C . -23.22 -10.11 26.31
O7 NAG C . -26.88 -5.85 28.60
C1 NAG C . -22.53 -6.34 24.00
C2 NAG C . -21.57 -6.33 22.80
C3 NAG C . -20.70 -5.08 22.82
C4 NAG C . -21.51 -3.82 23.06
C5 NAG C . -22.46 -4.00 24.22
C6 NAG C . -23.38 -2.81 24.30
C7 NAG C . -20.96 -8.51 21.89
C8 NAG C . -19.98 -9.63 21.84
N2 NAG C . -20.76 -7.53 22.74
O3 NAG C . -20.01 -4.92 21.59
O4 NAG C . -20.66 -2.73 23.34
O5 NAG C . -23.23 -5.13 24.05
O6 NAG C . -23.93 -2.70 25.59
O7 NAG C . -21.88 -8.54 21.16
C1 BMA C . -20.17 -2.03 22.21
C2 BMA C . -20.03 -0.54 22.54
C3 BMA C . -19.31 0.22 21.41
C4 BMA C . -18.03 -0.45 21.00
C5 BMA C . -18.27 -1.92 20.73
C6 BMA C . -17.00 -2.70 20.55
O2 BMA C . -19.35 -0.38 23.77
O3 BMA C . -18.92 1.52 21.81
O4 BMA C . -17.54 0.25 19.88
O5 BMA C . -18.96 -2.55 21.78
O6 BMA C . -17.37 -4.02 20.17
C1 MAN C . -16.29 -4.67 19.56
C2 MAN C . -16.73 -5.96 18.90
C3 MAN C . -17.21 -6.93 19.95
C4 MAN C . -16.13 -7.13 21.01
C5 MAN C . -15.66 -5.80 21.53
C6 MAN C . -14.46 -6.11 22.42
O2 MAN C . -15.62 -6.52 18.26
O3 MAN C . -17.41 -8.19 19.39
O4 MAN C . -16.56 -7.87 22.12
O5 MAN C . -15.27 -4.98 20.47
O6 MAN C . -13.82 -4.90 22.70
C1 NAG C . -15.46 -6.11 16.93
C2 NAG C . -14.03 -6.40 16.48
C3 NAG C . -13.82 -5.94 15.06
C4 NAG C . -14.87 -6.46 14.09
C5 NAG C . -16.24 -6.18 14.70
C6 NAG C . -17.33 -6.74 13.82
C7 NAG C . -12.53 -6.44 18.33
C8 NAG C . -11.61 -5.66 19.23
N2 NAG C . -13.09 -5.76 17.35
O3 NAG C . -12.54 -6.29 14.64
O4 NAG C . -14.72 -5.72 12.91
O5 NAG C . -16.32 -6.73 16.00
O6 NAG C . -17.32 -8.11 14.03
O7 NAG C . -12.74 -7.59 18.53
C1 GAL C . -14.63 -6.54 11.75
C2 GAL C . -14.41 -5.73 10.46
C3 GAL C . -14.29 -6.64 9.26
C4 GAL C . -13.33 -7.78 9.49
C5 GAL C . -13.68 -8.47 10.80
C6 GAL C . -12.68 -9.58 11.06
O2 GAL C . -15.44 -4.78 10.16
O3 GAL C . -13.87 -5.86 8.17
O4 GAL C . -12.02 -7.25 9.61
O5 GAL C . -13.63 -7.51 11.85
O6 GAL C . -12.87 -10.15 12.35
C1 MAN D . -20.91 3.26 21.35
C2 MAN D . -19.67 4.10 21.52
C3 MAN D . -19.23 4.37 22.99
C4 MAN D . -20.38 4.12 24.00
C5 MAN D . -20.84 2.69 23.73
C6 MAN D . -22.17 2.42 24.42
O2 MAN D . -20.07 5.19 20.74
O3 MAN D . -18.61 5.61 23.21
O4 MAN D . -19.98 4.20 25.35
O5 MAN D . -20.81 2.27 22.35
O6 MAN D . -22.64 1.11 24.12
C1 FUC E . -21.19 -8.45 26.92
C2 FUC E . -20.56 -9.65 26.28
C3 FUC E . -19.48 -10.32 27.05
C4 FUC E . -18.88 -9.50 28.21
C5 FUC E . -19.40 -8.06 28.33
C6 FUC E . -20.13 -7.76 29.63
O2 FUC E . -19.76 -9.05 25.35
O3 FUC E . -19.92 -11.60 27.48
O4 FUC E . -19.14 -10.25 29.36
O5 FUC E . -20.13 -7.60 27.17
#